data_6I0J
#
_entry.id   6I0J
#
_cell.length_a   62.450
_cell.length_b   71.255
_cell.length_c   120.999
_cell.angle_alpha   90.000
_cell.angle_beta   90.000
_cell.angle_gamma   90.000
#
_symmetry.space_group_name_H-M   'P 21 21 21'
#
loop_
_entity.id
_entity.type
_entity.pdbx_description
1 polymer 'Carbonic anhydrase 1'
2 non-polymer 'ZINC ION'
3 non-polymer 'ACETATE ION'
4 non-polymer GLYCEROL
5 non-polymer '[4-[[4-chloranyl-3-(trifluoromethyl)phenyl]carbamoylamino]phenyl] sulfamate'
6 water water
#
_entity_poly.entity_id   1
_entity_poly.type   'polypeptide(L)'
_entity_poly.pdbx_seq_one_letter_code
;MASPDWGYDDKNGPEQWSKLYPIANGNNQSPVDIKTSETKHDTSLKPISVSYNPATAKEIINVGHSFHVNFEDNDNRSVL
KGGPFSDSYRLFQFHFHWGSTNEHGSEHTVDGVKYSAELHVAHWNSAKYSSLAEAASKADGLAVIGVLMKVGEANPKLQK
VLDALQAIKTKGKRAPFTNFDPSTLLPSSLDFWTYPGSLTHPPLYESVTWIICKESISVSSEQLAQFRSLLSNVEGDNAV
PMQHNNRPTQPLKGRTVRASF
;
_entity_poly.pdbx_strand_id   A,B
#
loop_
_chem_comp.id
_chem_comp.type
_chem_comp.name
_chem_comp.formula
ACT non-polymer 'ACETATE ION' 'C2 H3 O2 -1'
GOL non-polymer GLYCEROL 'C3 H8 O3'
GZE non-polymer '[4-[[4-chloranyl-3-(trifluoromethyl)phenyl]carbamoylamino]phenyl] sulfamate' 'C14 H11 Cl F3 N3 O4 S'
ZN non-polymer 'ZINC ION' 'Zn 2'
#
# COMPACT_ATOMS: atom_id res chain seq x y z
N ASP A 5 -7.93 -20.95 -29.26
CA ASP A 5 -8.26 -22.03 -28.27
C ASP A 5 -7.30 -21.98 -27.08
N TRP A 6 -7.74 -21.32 -26.01
CA TRP A 6 -6.90 -21.03 -24.83
C TRP A 6 -6.47 -22.28 -24.05
N GLY A 7 -5.33 -22.17 -23.38
CA GLY A 7 -4.83 -23.23 -22.51
C GLY A 7 -3.84 -22.66 -21.52
N TYR A 8 -2.88 -23.50 -21.13
CA TYR A 8 -1.82 -23.07 -20.20
C TYR A 8 -0.41 -23.22 -20.77
N ASP A 9 -0.30 -23.65 -22.03
CA ASP A 9 1.03 -23.77 -22.66
C ASP A 9 1.54 -22.38 -23.10
N ASP A 10 2.77 -22.31 -23.58
CA ASP A 10 3.35 -21.00 -23.93
C ASP A 10 2.58 -20.25 -25.04
N LYS A 11 2.02 -20.99 -25.99
CA LYS A 11 1.35 -20.37 -27.12
C LYS A 11 -0.06 -19.85 -26.81
N ASN A 12 -0.80 -20.57 -25.97
CA ASN A 12 -2.21 -20.25 -25.70
C ASN A 12 -2.52 -19.86 -24.23
N GLY A 13 -1.46 -19.66 -23.44
CA GLY A 13 -1.56 -19.51 -21.99
C GLY A 13 -1.88 -18.14 -21.44
N PRO A 14 -1.82 -17.97 -20.09
CA PRO A 14 -2.20 -16.73 -19.42
C PRO A 14 -1.69 -15.42 -20.02
N GLU A 15 -0.47 -15.43 -20.56
CA GLU A 15 0.08 -14.21 -21.20
C GLU A 15 -0.54 -13.88 -22.57
N GLN A 16 -1.12 -14.89 -23.21
CA GLN A 16 -1.80 -14.77 -24.52
C GLN A 16 -3.35 -14.54 -24.41
N TRP A 17 -3.94 -14.81 -23.24
CA TRP A 17 -5.41 -14.68 -23.07
C TRP A 17 -6.02 -13.32 -23.45
N SER A 18 -5.29 -12.23 -23.18
CA SER A 18 -5.79 -10.86 -23.42
C SER A 18 -6.18 -10.58 -24.89
N LYS A 19 -5.64 -11.37 -25.81
CA LYS A 19 -5.86 -11.19 -27.26
C LYS A 19 -7.31 -11.41 -27.68
N LEU A 20 -7.90 -12.52 -27.21
CA LEU A 20 -9.34 -12.79 -27.43
C LEU A 20 -10.20 -12.35 -26.25
N TYR A 21 -9.58 -12.22 -25.07
CA TYR A 21 -10.28 -11.80 -23.85
C TYR A 21 -9.64 -10.57 -23.19
N PRO A 22 -9.95 -9.37 -23.72
CA PRO A 22 -9.30 -8.14 -23.22
C PRO A 22 -9.55 -7.84 -21.74
N ILE A 23 -10.58 -8.46 -21.16
CA ILE A 23 -10.89 -8.29 -19.74
C ILE A 23 -9.74 -8.84 -18.89
N ALA A 24 -8.85 -9.63 -19.50
CA ALA A 24 -7.66 -10.18 -18.81
C ALA A 24 -6.83 -9.09 -18.17
N ASN A 25 -6.87 -7.90 -18.79
CA ASN A 25 -6.14 -6.72 -18.30
C ASN A 25 -7.03 -5.75 -17.52
N GLY A 26 -8.15 -6.24 -16.98
CA GLY A 26 -9.13 -5.41 -16.31
C GLY A 26 -8.81 -5.04 -14.89
N ASN A 27 -9.77 -4.44 -14.22
CA ASN A 27 -9.57 -3.91 -12.86
C ASN A 27 -9.99 -4.81 -11.71
N ASN A 28 -10.69 -5.91 -12.03
CA ASN A 28 -11.12 -6.85 -10.99
C ASN A 28 -10.71 -8.29 -11.34
N GLN A 29 -9.46 -8.46 -11.76
CA GLN A 29 -8.92 -9.78 -12.16
C GLN A 29 -8.36 -10.58 -10.98
N SER A 30 -8.40 -11.89 -11.13
CA SER A 30 -8.01 -12.84 -10.09
C SER A 30 -7.09 -13.90 -10.72
N PRO A 31 -6.22 -14.56 -9.94
CA PRO A 31 -6.03 -14.40 -8.50
C PRO A 31 -5.16 -13.18 -8.15
N VAL A 32 -5.02 -12.93 -6.84
CA VAL A 32 -4.19 -11.82 -6.32
C VAL A 32 -3.27 -12.36 -5.24
N ASP A 33 -2.23 -11.56 -4.95
CA ASP A 33 -1.44 -11.73 -3.75
C ASP A 33 -2.08 -10.97 -2.61
N ILE A 34 -2.35 -11.66 -1.51
CA ILE A 34 -2.99 -11.07 -0.37
C ILE A 34 -1.81 -10.62 0.52
N LYS A 35 -1.67 -9.29 0.65
CA LYS A 35 -0.67 -8.72 1.56
C LYS A 35 -1.33 -8.41 2.89
N THR A 36 -0.93 -9.10 3.96
CA THR A 36 -1.67 -9.10 5.22
C THR A 36 -1.56 -7.77 5.98
N SER A 37 -0.49 -7.03 5.71
CA SER A 37 -0.30 -5.69 6.28
C SER A 37 -1.27 -4.67 5.68
N GLU A 38 -1.86 -5.00 4.52
CA GLU A 38 -2.74 -4.09 3.77
C GLU A 38 -4.24 -4.49 3.77
N THR A 39 -4.56 -5.62 4.40
CA THR A 39 -5.95 -6.03 4.54
C THR A 39 -6.63 -5.12 5.56
N LYS A 40 -7.93 -4.96 5.42
CA LYS A 40 -8.72 -4.22 6.39
C LYS A 40 -9.70 -5.15 7.09
N HIS A 41 -9.55 -5.32 8.40
CA HIS A 41 -10.53 -6.07 9.20
C HIS A 41 -11.90 -5.41 9.13
N ASP A 42 -12.94 -6.21 8.87
CA ASP A 42 -14.30 -5.71 8.75
C ASP A 42 -15.24 -6.43 9.71
N THR A 43 -15.67 -5.71 10.75
CA THR A 43 -16.59 -6.26 11.76
C THR A 43 -18.00 -6.59 11.24
N SER A 44 -18.38 -6.04 10.08
CA SER A 44 -19.67 -6.36 9.47
C SER A 44 -19.74 -7.73 8.77
N LEU A 45 -18.58 -8.34 8.52
CA LEU A 45 -18.48 -9.69 7.93
C LEU A 45 -18.99 -10.74 8.91
N LYS A 46 -20.01 -11.49 8.49
CA LYS A 46 -20.54 -12.60 9.28
C LYS A 46 -19.68 -13.88 9.06
N PRO A 47 -19.81 -14.88 9.94
CA PRO A 47 -19.07 -16.12 9.66
C PRO A 47 -19.61 -16.79 8.39
N ILE A 48 -18.77 -17.57 7.74
CA ILE A 48 -19.19 -18.38 6.60
C ILE A 48 -20.03 -19.56 7.07
N SER A 49 -21.15 -19.76 6.40
CA SER A 49 -22.04 -20.87 6.67
C SER A 49 -22.18 -21.73 5.41
N VAL A 50 -21.71 -22.98 5.48
CA VAL A 50 -21.95 -23.93 4.36
C VAL A 50 -22.83 -25.07 4.83
N SER A 51 -23.78 -25.44 3.96
CA SER A 51 -24.64 -26.58 4.22
C SER A 51 -24.88 -27.27 2.90
N TYR A 52 -24.12 -28.34 2.68
CA TYR A 52 -24.17 -29.10 1.44
C TYR A 52 -24.73 -30.50 1.67
N ASN A 53 -25.55 -30.93 0.74
CA ASN A 53 -26.22 -32.20 0.77
C ASN A 53 -25.43 -33.16 -0.14
N PRO A 54 -24.87 -34.27 0.41
CA PRO A 54 -24.05 -35.14 -0.43
C PRO A 54 -24.83 -35.75 -1.62
N ALA A 55 -26.15 -35.80 -1.53
CA ALA A 55 -26.98 -36.29 -2.65
C ALA A 55 -26.93 -35.43 -3.90
N THR A 56 -26.43 -34.20 -3.78
CA THR A 56 -26.32 -33.30 -4.95
C THR A 56 -25.08 -33.58 -5.80
N ALA A 57 -24.13 -34.36 -5.30
CA ALA A 57 -22.97 -34.73 -6.13
C ALA A 57 -23.43 -35.52 -7.35
N LYS A 58 -22.94 -35.14 -8.53
CA LYS A 58 -23.44 -35.72 -9.81
C LYS A 58 -22.38 -36.47 -10.65
N GLU A 59 -21.30 -35.78 -11.00
CA GLU A 59 -20.46 -36.23 -12.08
C GLU A 59 -19.06 -35.65 -11.93
N ILE A 60 -18.09 -36.42 -12.41
CA ILE A 60 -16.71 -35.96 -12.53
C ILE A 60 -16.34 -36.03 -14.00
N ILE A 61 -15.68 -34.99 -14.49
CA ILE A 61 -15.36 -34.90 -15.93
C ILE A 61 -13.96 -34.33 -16.19
N ASN A 62 -13.27 -34.93 -17.14
CA ASN A 62 -11.98 -34.42 -17.62
C ASN A 62 -12.24 -33.40 -18.70
N VAL A 63 -11.88 -32.14 -18.41
CA VAL A 63 -12.15 -31.06 -19.38
C VAL A 63 -10.90 -30.59 -20.14
N GLY A 64 -9.85 -31.42 -20.12
CA GLY A 64 -8.68 -31.18 -20.96
C GLY A 64 -7.63 -30.40 -20.20
N HIS A 65 -7.99 -29.25 -19.66
CA HIS A 65 -7.06 -28.42 -18.87
C HIS A 65 -7.18 -28.70 -17.37
N SER A 66 -8.22 -29.42 -16.96
CA SER A 66 -8.50 -29.66 -15.54
C SER A 66 -9.51 -30.77 -15.46
N PHE A 67 -10.04 -31.00 -14.25
CA PHE A 67 -11.22 -31.85 -14.08
C PHE A 67 -12.19 -31.15 -13.14
N HIS A 68 -13.48 -31.43 -13.31
CA HIS A 68 -14.53 -30.78 -12.55
C HIS A 68 -15.38 -31.82 -11.85
N VAL A 69 -15.79 -31.53 -10.61
CA VAL A 69 -16.78 -32.33 -9.92
C VAL A 69 -18.04 -31.47 -9.82
N ASN A 70 -19.07 -31.92 -10.53
CA ASN A 70 -20.30 -31.14 -10.69
C ASN A 70 -21.42 -31.61 -9.79
N PHE A 71 -22.28 -30.66 -9.40
CA PHE A 71 -23.39 -30.89 -8.50
C PHE A 71 -24.70 -30.50 -9.15
N GLU A 72 -25.76 -31.26 -8.84
CA GLU A 72 -27.12 -30.87 -9.19
C GLU A 72 -27.43 -29.55 -8.52
N ASP A 73 -27.93 -28.58 -9.31
CA ASP A 73 -28.19 -27.23 -8.77
C ASP A 73 -29.58 -26.70 -9.15
N ASN A 74 -30.54 -27.62 -9.16
CA ASN A 74 -31.93 -27.27 -9.48
C ASN A 74 -32.68 -26.67 -8.27
N ASP A 75 -32.12 -26.82 -7.07
CA ASP A 75 -32.74 -26.27 -5.83
C ASP A 75 -31.69 -25.91 -4.78
N ASN A 76 -32.14 -25.55 -3.59
CA ASN A 76 -31.23 -25.07 -2.53
C ASN A 76 -30.80 -26.12 -1.53
N ARG A 77 -30.65 -27.36 -1.99
CA ARG A 77 -30.14 -28.42 -1.11
C ARG A 77 -28.71 -28.13 -0.61
N SER A 78 -27.90 -27.46 -1.42
CA SER A 78 -26.49 -27.18 -1.09
C SER A 78 -26.20 -25.72 -1.29
N VAL A 79 -25.98 -25.02 -0.17
CA VAL A 79 -25.87 -23.56 -0.19
C VAL A 79 -24.73 -23.01 0.69
N LEU A 80 -24.22 -21.86 0.25
CA LEU A 80 -23.31 -21.00 1.00
C LEU A 80 -24.06 -19.73 1.43
N LYS A 81 -23.87 -19.35 2.69
CA LYS A 81 -24.52 -18.17 3.30
C LYS A 81 -23.51 -17.47 4.20
N GLY A 82 -23.82 -16.24 4.60
CA GLY A 82 -22.98 -15.52 5.55
C GLY A 82 -21.83 -14.76 4.91
N GLY A 83 -20.75 -14.59 5.67
CA GLY A 83 -19.64 -13.77 5.21
C GLY A 83 -20.12 -12.39 4.76
N PRO A 84 -19.73 -11.97 3.53
CA PRO A 84 -20.14 -10.68 2.98
C PRO A 84 -21.51 -10.68 2.29
N PHE A 85 -22.22 -11.81 2.32
CA PHE A 85 -23.41 -12.03 1.49
C PHE A 85 -24.73 -11.81 2.24
N SER A 86 -25.69 -11.20 1.53
CA SER A 86 -27.07 -11.09 2.02
C SER A 86 -27.92 -12.20 1.42
N ASP A 87 -27.46 -12.70 0.27
CA ASP A 87 -28.15 -13.72 -0.53
C ASP A 87 -27.54 -15.10 -0.26
N SER A 88 -28.34 -16.13 -0.49
CA SER A 88 -27.88 -17.52 -0.49
C SER A 88 -27.24 -17.81 -1.86
N TYR A 89 -26.12 -18.53 -1.86
CA TYR A 89 -25.47 -18.94 -3.12
C TYR A 89 -25.46 -20.45 -3.20
N ARG A 90 -25.78 -20.95 -4.39
CA ARG A 90 -26.04 -22.36 -4.63
C ARG A 90 -24.77 -23.05 -5.17
N LEU A 91 -24.35 -24.12 -4.50
CA LEU A 91 -23.19 -24.92 -4.94
C LEU A 91 -23.41 -25.46 -6.36
N PHE A 92 -22.40 -25.33 -7.23
CA PHE A 92 -22.51 -26.07 -8.50
C PHE A 92 -21.33 -26.95 -8.84
N GLN A 93 -20.16 -26.67 -8.27
CA GLN A 93 -18.94 -27.38 -8.68
C GLN A 93 -17.81 -27.17 -7.70
N PHE A 94 -16.90 -28.15 -7.62
CA PHE A 94 -15.55 -27.84 -7.12
C PHE A 94 -14.53 -28.37 -8.09
N HIS A 95 -13.34 -27.74 -8.06
CA HIS A 95 -12.20 -28.17 -8.88
C HIS A 95 -10.95 -27.65 -8.23
N PHE A 96 -9.82 -28.00 -8.85
CA PHE A 96 -8.52 -27.66 -8.31
C PHE A 96 -7.68 -26.99 -9.36
N HIS A 97 -6.65 -26.30 -8.85
CA HIS A 97 -5.53 -25.86 -9.68
C HIS A 97 -4.26 -26.37 -9.05
N TRP A 98 -3.28 -26.67 -9.90
CA TRP A 98 -1.97 -27.16 -9.44
C TRP A 98 -0.88 -26.70 -10.40
N GLY A 99 0.38 -26.93 -9.99
CA GLY A 99 1.53 -26.48 -10.78
C GLY A 99 2.40 -27.65 -11.20
N SER A 100 3.45 -27.35 -11.98
CA SER A 100 4.34 -28.39 -12.51
C SER A 100 5.24 -29.03 -11.44
N THR A 101 5.52 -28.30 -10.37
CA THR A 101 6.23 -28.86 -9.22
C THR A 101 5.60 -28.34 -7.93
N ASN A 102 6.02 -28.92 -6.80
CA ASN A 102 5.46 -28.59 -5.49
C ASN A 102 5.63 -27.13 -5.12
N GLU A 103 6.62 -26.47 -5.71
CA GLU A 103 6.97 -25.10 -5.33
C GLU A 103 5.92 -24.03 -5.70
N HIS A 104 4.99 -24.35 -6.61
CA HIS A 104 4.10 -23.30 -7.15
C HIS A 104 2.88 -23.83 -7.94
N GLY A 105 1.74 -23.88 -7.29
CA GLY A 105 0.59 -24.49 -7.93
C GLY A 105 -0.67 -23.78 -7.54
N SER A 106 -0.63 -23.07 -6.42
CA SER A 106 -1.82 -22.29 -6.03
C SER A 106 -1.99 -21.11 -6.98
N GLU A 107 -3.19 -20.57 -6.98
CA GLU A 107 -3.49 -19.37 -7.73
C GLU A 107 -3.31 -18.15 -6.85
N HIS A 108 -4.07 -18.05 -5.76
CA HIS A 108 -3.82 -16.98 -4.78
C HIS A 108 -2.50 -17.26 -4.07
N THR A 109 -1.90 -16.16 -3.60
CA THR A 109 -0.68 -16.25 -2.79
C THR A 109 -0.92 -15.39 -1.54
N VAL A 110 -0.16 -15.63 -0.48
CA VAL A 110 -0.31 -14.85 0.75
C VAL A 110 1.07 -14.35 1.17
N ASP A 111 1.19 -13.02 1.21
CA ASP A 111 2.48 -12.34 1.46
C ASP A 111 3.60 -12.89 0.56
N GLY A 112 3.28 -13.12 -0.72
CA GLY A 112 4.22 -13.65 -1.71
C GLY A 112 4.47 -15.16 -1.70
N VAL A 113 3.88 -15.88 -0.74
CA VAL A 113 4.13 -17.29 -0.59
C VAL A 113 3.15 -18.07 -1.52
N LYS A 114 3.75 -18.91 -2.36
CA LYS A 114 3.05 -19.80 -3.30
C LYS A 114 2.85 -21.15 -2.63
N TYR A 115 1.61 -21.66 -2.68
CA TYR A 115 1.30 -23.00 -2.17
C TYR A 115 1.28 -24.00 -3.33
N SER A 116 1.06 -25.28 -3.03
CA SER A 116 1.24 -26.34 -4.03
C SER A 116 0.03 -26.57 -4.91
N ALA A 117 -1.15 -26.20 -4.41
CA ALA A 117 -2.38 -26.33 -5.19
C ALA A 117 -3.44 -25.47 -4.51
N GLU A 118 -4.64 -25.42 -5.12
CA GLU A 118 -5.73 -24.63 -4.62
C GLU A 118 -7.05 -25.29 -4.99
N LEU A 119 -7.93 -25.32 -4.00
CA LEU A 119 -9.29 -25.87 -4.14
C LEU A 119 -10.21 -24.69 -4.35
N HIS A 120 -11.07 -24.80 -5.37
CA HIS A 120 -12.16 -23.83 -5.63
C HIS A 120 -13.51 -24.49 -5.49
N VAL A 121 -14.33 -23.97 -4.58
CA VAL A 121 -15.73 -24.43 -4.40
C VAL A 121 -16.62 -23.29 -4.92
N ALA A 122 -17.32 -23.53 -6.04
CA ALA A 122 -18.01 -22.48 -6.76
C ALA A 122 -19.53 -22.54 -6.59
N HIS A 123 -20.13 -21.35 -6.50
CA HIS A 123 -21.55 -21.17 -6.21
C HIS A 123 -22.09 -20.01 -7.05
N TRP A 124 -23.42 -20.00 -7.29
CA TRP A 124 -24.06 -18.91 -8.03
C TRP A 124 -25.27 -18.36 -7.28
N ASN A 125 -25.56 -17.09 -7.54
CA ASN A 125 -26.56 -16.34 -6.76
C ASN A 125 -27.97 -16.67 -7.23
N SER A 126 -28.58 -17.66 -6.57
CA SER A 126 -29.90 -18.16 -6.96
C SER A 126 -31.03 -17.34 -6.33
N ALA A 127 -30.66 -16.45 -5.40
CA ALA A 127 -31.64 -15.46 -4.88
C ALA A 127 -32.02 -14.41 -5.93
N LYS A 128 -31.03 -13.96 -6.72
CA LYS A 128 -31.20 -12.90 -7.71
C LYS A 128 -31.39 -13.39 -9.15
N TYR A 129 -30.77 -14.52 -9.48
CA TYR A 129 -30.75 -15.01 -10.87
C TYR A 129 -31.37 -16.41 -10.99
N SER A 130 -31.76 -16.78 -12.22
CA SER A 130 -32.49 -18.01 -12.49
CA SER A 130 -32.47 -18.05 -12.39
C SER A 130 -31.61 -19.20 -12.85
N SER A 131 -30.37 -18.93 -13.25
CA SER A 131 -29.46 -19.97 -13.70
C SER A 131 -28.03 -19.53 -13.51
N LEU A 132 -27.13 -20.52 -13.55
CA LEU A 132 -25.72 -20.24 -13.60
C LEU A 132 -25.34 -19.37 -14.78
N ALA A 133 -25.86 -19.70 -15.98
CA ALA A 133 -25.55 -18.93 -17.17
C ALA A 133 -25.87 -17.44 -17.01
N GLU A 134 -27.02 -17.15 -16.39
CA GLU A 134 -27.40 -15.76 -16.13
C GLU A 134 -26.46 -15.12 -15.11
N ALA A 135 -26.20 -15.83 -14.01
CA ALA A 135 -25.36 -15.30 -12.93
C ALA A 135 -23.90 -15.03 -13.32
N ALA A 136 -23.37 -15.79 -14.28
CA ALA A 136 -21.93 -15.84 -14.62
C ALA A 136 -21.30 -14.51 -15.00
N SER A 137 -22.06 -13.64 -15.63
CA SER A 137 -21.53 -12.34 -16.06
C SER A 137 -21.94 -11.17 -15.16
N LYS A 138 -22.64 -11.45 -14.05
CA LYS A 138 -23.14 -10.40 -13.14
C LYS A 138 -22.09 -10.15 -12.06
N ALA A 139 -21.85 -8.89 -11.69
CA ALA A 139 -20.85 -8.60 -10.65
C ALA A 139 -21.04 -9.33 -9.34
N ASP A 140 -22.28 -9.58 -8.94
CA ASP A 140 -22.64 -10.29 -7.71
C ASP A 140 -23.15 -11.71 -8.01
N GLY A 141 -22.72 -12.26 -9.14
CA GLY A 141 -23.29 -13.53 -9.64
C GLY A 141 -22.72 -14.79 -9.02
N LEU A 142 -21.42 -14.77 -8.73
CA LEU A 142 -20.70 -15.96 -8.29
C LEU A 142 -19.95 -15.77 -6.97
N ALA A 143 -19.88 -16.85 -6.19
CA ALA A 143 -19.08 -16.87 -4.94
C ALA A 143 -18.18 -18.09 -5.01
N VAL A 144 -16.87 -17.88 -4.86
CA VAL A 144 -15.95 -19.01 -4.87
C VAL A 144 -15.15 -19.06 -3.59
N ILE A 145 -15.16 -20.20 -2.90
CA ILE A 145 -14.29 -20.38 -1.73
C ILE A 145 -12.99 -20.93 -2.28
N GLY A 146 -11.87 -20.28 -1.92
CA GLY A 146 -10.54 -20.76 -2.30
C GLY A 146 -9.81 -21.25 -1.07
N VAL A 147 -9.25 -22.45 -1.14
CA VAL A 147 -8.51 -23.04 -0.04
C VAL A 147 -7.11 -23.36 -0.56
N LEU A 148 -6.10 -22.78 0.11
CA LEU A 148 -4.71 -23.04 -0.23
C LEU A 148 -4.29 -24.42 0.26
N MET A 149 -3.58 -25.15 -0.62
CA MET A 149 -3.20 -26.53 -0.32
C MET A 149 -1.67 -26.59 -0.15
N LYS A 150 -1.26 -26.92 1.08
CA LYS A 150 0.15 -26.96 1.45
CA LYS A 150 0.16 -26.96 1.46
C LYS A 150 0.69 -28.39 1.41
N VAL A 151 1.76 -28.60 0.64
CA VAL A 151 2.36 -29.92 0.53
C VAL A 151 2.83 -30.38 1.92
N GLY A 152 2.50 -31.62 2.24
CA GLY A 152 2.81 -32.19 3.53
C GLY A 152 2.19 -33.56 3.62
N GLU A 153 1.46 -33.82 4.69
CA GLU A 153 0.81 -35.11 4.96
C GLU A 153 -0.27 -35.36 3.92
N ALA A 154 -0.40 -36.63 3.51
CA ALA A 154 -1.54 -37.01 2.68
C ALA A 154 -2.84 -36.61 3.34
N ASN A 155 -3.77 -36.11 2.53
CA ASN A 155 -5.07 -35.69 2.99
C ASN A 155 -6.11 -36.79 2.69
N PRO A 156 -6.58 -37.52 3.74
CA PRO A 156 -7.52 -38.62 3.48
C PRO A 156 -8.86 -38.19 2.87
N LYS A 157 -9.25 -36.95 3.12
CA LYS A 157 -10.53 -36.43 2.64
C LYS A 157 -10.54 -36.27 1.12
N LEU A 158 -9.36 -36.03 0.56
CA LEU A 158 -9.19 -35.98 -0.90
C LEU A 158 -9.35 -37.33 -1.59
N GLN A 159 -9.33 -38.45 -0.86
CA GLN A 159 -9.14 -39.73 -1.54
C GLN A 159 -10.29 -40.24 -2.42
N LYS A 160 -11.57 -40.03 -2.06
CA LYS A 160 -12.69 -40.38 -2.99
C LYS A 160 -12.47 -39.66 -4.29
N VAL A 161 -12.05 -38.38 -4.23
CA VAL A 161 -11.84 -37.62 -5.47
C VAL A 161 -10.70 -38.21 -6.27
N LEU A 162 -9.56 -38.40 -5.63
CA LEU A 162 -8.41 -38.94 -6.36
C LEU A 162 -8.65 -40.34 -6.91
N ASP A 163 -9.38 -41.18 -6.15
CA ASP A 163 -9.71 -42.55 -6.57
C ASP A 163 -10.55 -42.56 -7.84
N ALA A 164 -11.33 -41.49 -8.05
CA ALA A 164 -12.19 -41.39 -9.24
C ALA A 164 -11.46 -41.07 -10.53
N LEU A 165 -10.23 -40.54 -10.45
CA LEU A 165 -9.53 -40.06 -11.63
C LEU A 165 -9.19 -41.17 -12.64
N GLN A 166 -9.04 -42.40 -12.15
CA GLN A 166 -8.66 -43.51 -13.07
C GLN A 166 -9.72 -43.77 -14.13
N ALA A 167 -10.97 -43.33 -13.89
CA ALA A 167 -12.09 -43.52 -14.83
C ALA A 167 -12.27 -42.37 -15.80
N ILE A 168 -11.51 -41.29 -15.60
CA ILE A 168 -11.62 -40.10 -16.46
C ILE A 168 -10.25 -39.64 -16.94
N LYS A 169 -9.42 -40.59 -17.37
CA LYS A 169 -8.01 -40.30 -17.59
C LYS A 169 -7.75 -39.31 -18.72
N THR A 170 -8.56 -39.36 -19.77
CA THR A 170 -8.34 -38.58 -20.98
C THR A 170 -9.52 -37.61 -21.22
N LYS A 171 -9.23 -36.62 -22.05
CA LYS A 171 -10.15 -35.51 -22.31
C LYS A 171 -11.54 -35.94 -22.73
N GLY A 172 -12.55 -35.38 -22.07
CA GLY A 172 -13.96 -35.68 -22.37
C GLY A 172 -14.57 -36.86 -21.64
N LYS A 173 -13.74 -37.72 -21.03
CA LYS A 173 -14.29 -38.80 -20.23
C LYS A 173 -15.02 -38.23 -19.03
N ARG A 174 -16.18 -38.81 -18.75
CA ARG A 174 -17.01 -38.42 -17.62
C ARG A 174 -17.52 -39.66 -16.92
N ALA A 175 -17.78 -39.54 -15.62
CA ALA A 175 -18.24 -40.65 -14.83
C ALA A 175 -19.14 -40.15 -13.71
N PRO A 176 -20.13 -40.95 -13.28
CA PRO A 176 -20.93 -40.56 -12.13
C PRO A 176 -20.05 -40.39 -10.86
N PHE A 177 -20.38 -39.40 -10.04
CA PHE A 177 -19.62 -39.14 -8.81
C PHE A 177 -20.64 -38.65 -7.81
N THR A 178 -20.98 -39.49 -6.84
CA THR A 178 -22.18 -39.28 -6.06
C THR A 178 -21.88 -39.38 -4.57
N ASN A 179 -22.81 -38.88 -3.77
CA ASN A 179 -22.79 -39.05 -2.29
C ASN A 179 -21.51 -38.49 -1.70
N PHE A 180 -21.28 -37.22 -1.98
CA PHE A 180 -20.07 -36.53 -1.51
C PHE A 180 -20.41 -35.11 -1.09
N ASP A 181 -20.00 -34.75 0.15
CA ASP A 181 -20.20 -33.42 0.69
C ASP A 181 -18.84 -32.68 0.73
N PRO A 182 -18.65 -31.68 -0.16
CA PRO A 182 -17.32 -31.03 -0.26
C PRO A 182 -16.95 -30.12 0.92
N SER A 183 -17.88 -29.88 1.83
CA SER A 183 -17.51 -29.20 3.10
C SER A 183 -16.47 -30.00 3.89
N THR A 184 -16.38 -31.30 3.64
CA THR A 184 -15.38 -32.17 4.27
C THR A 184 -13.95 -31.81 3.85
N LEU A 185 -13.80 -31.07 2.75
CA LEU A 185 -12.49 -30.67 2.23
C LEU A 185 -12.00 -29.34 2.81
N LEU A 186 -12.91 -28.64 3.48
CA LEU A 186 -12.62 -27.28 3.96
C LEU A 186 -11.80 -27.37 5.25
N PRO A 187 -10.99 -26.33 5.55
CA PRO A 187 -10.26 -26.37 6.82
C PRO A 187 -11.19 -26.23 8.04
N SER A 188 -10.69 -26.56 9.23
CA SER A 188 -11.55 -26.47 10.42
C SER A 188 -11.92 -25.02 10.82
N SER A 189 -10.99 -24.08 10.64
CA SER A 189 -11.31 -22.65 10.77
C SER A 189 -11.82 -22.17 9.43
N LEU A 190 -12.90 -21.39 9.47
CA LEU A 190 -13.38 -20.73 8.27
C LEU A 190 -13.17 -19.21 8.30
N ASP A 191 -12.20 -18.76 9.13
CA ASP A 191 -11.69 -17.39 9.02
C ASP A 191 -11.23 -17.13 7.60
N PHE A 192 -11.54 -15.95 7.07
CA PHE A 192 -11.31 -15.71 5.65
C PHE A 192 -10.92 -14.29 5.26
N TRP A 193 -10.38 -14.16 4.04
CA TRP A 193 -10.26 -12.90 3.33
C TRP A 193 -11.34 -12.83 2.24
N THR A 194 -11.80 -11.64 1.93
CA THR A 194 -12.72 -11.45 0.79
C THR A 194 -12.33 -10.25 -0.08
N TYR A 195 -12.50 -10.39 -1.39
CA TYR A 195 -12.27 -9.29 -2.34
C TYR A 195 -13.12 -9.55 -3.61
N PRO A 196 -13.45 -8.49 -4.36
CA PRO A 196 -14.18 -8.63 -5.63
C PRO A 196 -13.24 -8.96 -6.76
N GLY A 197 -13.48 -10.06 -7.46
CA GLY A 197 -12.57 -10.42 -8.53
C GLY A 197 -13.24 -11.19 -9.63
N SER A 198 -12.52 -12.16 -10.20
CA SER A 198 -12.90 -12.74 -11.50
C SER A 198 -12.77 -14.24 -11.50
N LEU A 199 -13.36 -14.89 -12.50
CA LEU A 199 -12.88 -16.24 -12.90
C LEU A 199 -11.39 -16.19 -13.25
N THR A 200 -10.66 -17.23 -12.87
CA THR A 200 -9.19 -17.23 -13.13
C THR A 200 -8.76 -17.84 -14.46
N HIS A 201 -9.73 -18.25 -15.28
CA HIS A 201 -9.44 -18.60 -16.67
C HIS A 201 -10.54 -18.07 -17.60
N PRO A 202 -10.29 -18.06 -18.92
CA PRO A 202 -11.32 -17.52 -19.84
C PRO A 202 -12.68 -18.20 -19.57
N PRO A 203 -13.77 -17.43 -19.59
CA PRO A 203 -13.82 -16.05 -20.10
C PRO A 203 -13.48 -14.94 -19.10
N LEU A 204 -12.93 -15.27 -17.93
CA LEU A 204 -12.36 -14.26 -17.03
C LEU A 204 -13.36 -13.19 -16.56
N TYR A 205 -14.65 -13.54 -16.54
CA TYR A 205 -15.68 -12.61 -16.05
C TYR A 205 -15.41 -12.06 -14.66
N GLU A 206 -15.60 -10.75 -14.48
CA GLU A 206 -15.42 -10.11 -13.18
C GLU A 206 -16.72 -10.21 -12.35
N SER A 207 -17.08 -11.45 -12.04
CA SER A 207 -18.34 -11.79 -11.41
CA SER A 207 -18.34 -11.79 -11.42
C SER A 207 -18.20 -12.52 -10.09
N VAL A 208 -16.97 -12.61 -9.56
CA VAL A 208 -16.71 -13.47 -8.41
C VAL A 208 -16.46 -12.69 -7.10
N THR A 209 -17.24 -12.96 -6.06
CA THR A 209 -16.83 -12.58 -4.71
C THR A 209 -15.99 -13.72 -4.17
N TRP A 210 -14.69 -13.47 -3.96
CA TRP A 210 -13.77 -14.49 -3.45
C TRP A 210 -13.83 -14.61 -1.92
N ILE A 211 -13.81 -15.85 -1.42
CA ILE A 211 -13.68 -16.14 0.01
C ILE A 211 -12.43 -16.99 0.12
N ILE A 212 -11.33 -16.42 0.63
CA ILE A 212 -10.05 -17.15 0.69
C ILE A 212 -9.81 -17.54 2.13
N CYS A 213 -9.74 -18.84 2.40
CA CYS A 213 -9.52 -19.32 3.76
C CYS A 213 -8.13 -18.99 4.27
N LYS A 214 -8.07 -18.53 5.53
CA LYS A 214 -6.80 -18.28 6.19
C LYS A 214 -5.98 -19.57 6.45
N GLU A 215 -6.67 -20.64 6.87
CA GLU A 215 -6.04 -21.92 7.17
CA GLU A 215 -6.06 -21.92 7.17
C GLU A 215 -5.92 -22.72 5.89
N SER A 216 -4.76 -23.32 5.70
CA SER A 216 -4.52 -24.21 4.55
C SER A 216 -5.06 -25.58 4.88
N ILE A 217 -5.15 -26.40 3.83
CA ILE A 217 -5.31 -27.85 3.99
C ILE A 217 -4.09 -28.55 3.43
N SER A 218 -3.90 -29.80 3.83
CA SER A 218 -2.74 -30.54 3.38
CA SER A 218 -2.74 -30.55 3.38
C SER A 218 -3.00 -31.30 2.08
N VAL A 219 -1.90 -31.65 1.42
CA VAL A 219 -1.88 -32.52 0.24
C VAL A 219 -0.49 -33.16 0.19
N SER A 220 -0.41 -34.46 -0.10
CA SER A 220 0.93 -35.04 -0.23
C SER A 220 1.52 -34.82 -1.64
N SER A 221 2.83 -35.00 -1.73
CA SER A 221 3.53 -34.89 -3.00
CA SER A 221 3.56 -34.92 -3.01
C SER A 221 2.97 -35.93 -4.00
N GLU A 222 2.60 -37.09 -3.48
CA GLU A 222 2.05 -38.18 -4.32
C GLU A 222 0.61 -37.87 -4.75
N GLN A 223 -0.19 -37.26 -3.87
CA GLN A 223 -1.53 -36.78 -4.29
C GLN A 223 -1.43 -35.75 -5.42
N LEU A 224 -0.46 -34.82 -5.35
CA LEU A 224 -0.24 -33.86 -6.41
C LEU A 224 0.14 -34.52 -7.73
N ALA A 225 0.94 -35.59 -7.63
CA ALA A 225 1.32 -36.38 -8.81
C ALA A 225 0.10 -36.99 -9.52
N GLN A 226 -0.91 -37.38 -8.75
CA GLN A 226 -2.17 -37.93 -9.30
C GLN A 226 -2.87 -36.87 -10.17
N PHE A 227 -2.91 -35.62 -9.70
CA PHE A 227 -3.45 -34.55 -10.54
C PHE A 227 -2.66 -34.47 -11.85
N ARG A 228 -1.33 -34.47 -11.74
CA ARG A 228 -0.45 -34.19 -12.89
C ARG A 228 -0.41 -35.36 -13.87
N SER A 229 -0.89 -36.51 -13.43
CA SER A 229 -0.95 -37.70 -14.30
C SER A 229 -2.24 -37.77 -15.10
N LEU A 230 -3.21 -36.91 -14.81
CA LEU A 230 -4.36 -36.80 -15.73
C LEU A 230 -3.86 -36.39 -17.11
N LEU A 231 -4.57 -36.81 -18.16
CA LEU A 231 -4.14 -36.54 -19.53
C LEU A 231 -5.02 -35.52 -20.23
N SER A 232 -4.38 -34.61 -20.92
CA SER A 232 -5.10 -33.53 -21.63
C SER A 232 -5.55 -33.93 -23.05
N ASN A 233 -4.97 -35.01 -23.54
CA ASN A 233 -5.27 -35.53 -24.88
C ASN A 233 -6.50 -36.44 -24.83
N VAL A 234 -7.09 -36.67 -26.00
CA VAL A 234 -8.17 -37.65 -26.12
C VAL A 234 -7.58 -39.07 -26.20
N GLU A 235 -8.37 -40.06 -25.85
CA GLU A 235 -7.96 -41.47 -25.90
C GLU A 235 -7.46 -41.86 -27.28
N GLY A 236 -6.32 -42.56 -27.28
CA GLY A 236 -5.69 -43.02 -28.52
C GLY A 236 -4.60 -42.12 -29.04
N ASP A 237 -4.65 -40.83 -28.69
CA ASP A 237 -3.59 -39.88 -29.05
C ASP A 237 -2.38 -40.04 -28.12
N ASN A 238 -1.26 -39.41 -28.51
CA ASN A 238 -0.06 -39.39 -27.68
C ASN A 238 -0.43 -38.79 -26.31
N ALA A 239 0.05 -39.41 -25.23
CA ALA A 239 -0.27 -38.93 -23.86
C ALA A 239 0.37 -37.56 -23.59
N VAL A 240 -0.42 -36.61 -23.09
CA VAL A 240 0.05 -35.24 -22.77
C VAL A 240 -0.41 -34.95 -21.33
N PRO A 241 0.46 -35.22 -20.33
CA PRO A 241 0.05 -34.98 -18.94
C PRO A 241 -0.43 -33.54 -18.67
N MET A 242 -1.40 -33.39 -17.76
CA MET A 242 -1.93 -32.08 -17.33
C MET A 242 -0.99 -31.51 -16.28
N GLN A 243 0.10 -30.91 -16.71
CA GLN A 243 1.17 -30.58 -15.76
C GLN A 243 0.86 -29.39 -14.83
N HIS A 244 0.10 -28.41 -15.33
CA HIS A 244 -0.24 -27.23 -14.56
C HIS A 244 -1.46 -26.53 -15.16
N ASN A 245 -2.16 -25.77 -14.32
CA ASN A 245 -3.31 -24.98 -14.74
C ASN A 245 -3.57 -23.76 -13.82
N ASN A 246 -2.50 -23.19 -13.25
CA ASN A 246 -2.63 -22.00 -12.39
C ASN A 246 -2.24 -20.70 -13.09
N ARG A 247 -3.09 -19.69 -12.91
CA ARG A 247 -2.85 -18.34 -13.45
C ARG A 247 -1.94 -17.58 -12.48
N PRO A 248 -0.99 -16.77 -13.03
CA PRO A 248 -0.25 -15.83 -12.18
C PRO A 248 -1.13 -14.81 -11.48
N THR A 249 -0.65 -14.27 -10.35
CA THR A 249 -1.38 -13.22 -9.66
C THR A 249 -1.44 -11.91 -10.49
N GLN A 250 -2.53 -11.19 -10.30
CA GLN A 250 -2.89 -10.03 -11.07
C GLN A 250 -2.92 -8.78 -10.18
N PRO A 251 -2.71 -7.60 -10.77
CA PRO A 251 -2.68 -6.35 -9.98
C PRO A 251 -4.00 -6.03 -9.26
N LEU A 252 -3.93 -5.58 -8.02
CA LEU A 252 -5.12 -5.26 -7.20
C LEU A 252 -5.89 -4.06 -7.73
N LYS A 253 -5.19 -3.16 -8.43
CA LYS A 253 -5.80 -1.95 -9.02
C LYS A 253 -6.72 -1.24 -8.02
N GLY A 254 -6.21 -1.01 -6.81
CA GLY A 254 -6.99 -0.29 -5.81
C GLY A 254 -8.06 -1.03 -5.03
N ARG A 255 -8.32 -2.31 -5.35
CA ARG A 255 -9.26 -3.08 -4.53
C ARG A 255 -8.78 -3.26 -3.10
N THR A 256 -9.73 -3.43 -2.19
CA THR A 256 -9.45 -3.71 -0.80
C THR A 256 -9.75 -5.17 -0.50
N VAL A 257 -8.76 -5.87 0.03
CA VAL A 257 -8.98 -7.20 0.60
C VAL A 257 -9.38 -7.06 2.07
N ARG A 258 -10.57 -7.52 2.41
CA ARG A 258 -11.07 -7.49 3.78
C ARG A 258 -10.83 -8.80 4.50
N ALA A 259 -10.56 -8.72 5.81
CA ALA A 259 -10.37 -9.88 6.68
C ALA A 259 -11.51 -10.02 7.66
N SER A 260 -11.92 -11.25 7.92
CA SER A 260 -12.99 -11.54 8.86
C SER A 260 -12.42 -11.74 10.28
N PHE A 261 -11.10 -11.65 10.39
CA PHE A 261 -10.36 -11.98 11.61
C PHE A 261 -9.27 -10.92 11.87
N ASP B 5 15.09 21.35 -13.01
CA ASP B 5 15.26 22.82 -13.31
C ASP B 5 15.94 23.63 -12.20
N TRP B 6 15.75 23.20 -10.94
CA TRP B 6 16.50 23.77 -9.82
C TRP B 6 16.92 22.62 -8.92
N GLY B 7 18.03 22.83 -8.21
CA GLY B 7 18.57 21.84 -7.26
C GLY B 7 19.50 22.53 -6.31
N TYR B 8 20.50 21.78 -5.82
CA TYR B 8 21.46 22.29 -4.88
C TYR B 8 22.90 22.10 -5.38
N ASP B 9 23.04 21.58 -6.60
CA ASP B 9 24.37 21.43 -7.26
C ASP B 9 24.94 22.79 -7.67
N ASP B 10 26.22 22.81 -8.05
CA ASP B 10 26.86 24.05 -8.55
C ASP B 10 26.17 24.66 -9.79
N LYS B 11 25.56 23.81 -10.63
CA LYS B 11 24.89 24.24 -11.86
C LYS B 11 23.47 24.81 -11.68
N ASN B 12 22.72 24.29 -10.71
CA ASN B 12 21.32 24.64 -10.55
C ASN B 12 20.96 25.10 -9.13
N GLY B 13 22.01 25.38 -8.33
CA GLY B 13 21.90 25.59 -6.88
C GLY B 13 21.54 27.00 -6.47
N PRO B 14 21.54 27.26 -5.15
CA PRO B 14 21.08 28.52 -4.56
C PRO B 14 21.66 29.79 -5.19
N GLU B 15 22.93 29.76 -5.59
CA GLU B 15 23.55 30.92 -6.25
C GLU B 15 23.02 31.16 -7.67
N GLN B 16 22.35 30.16 -8.24
CA GLN B 16 21.76 30.26 -9.58
C GLN B 16 20.26 30.53 -9.60
N TRP B 17 19.59 30.38 -8.45
CA TRP B 17 18.12 30.34 -8.46
C TRP B 17 17.44 31.58 -9.01
N SER B 18 18.08 32.74 -8.80
CA SER B 18 17.50 34.04 -9.18
C SER B 18 17.21 34.16 -10.69
N LYS B 19 17.84 33.30 -11.51
CA LYS B 19 17.58 33.26 -12.95
C LYS B 19 16.15 32.83 -13.31
N LEU B 20 15.70 31.72 -12.73
CA LEU B 20 14.35 31.24 -12.96
C LEU B 20 13.36 31.75 -11.91
N TYR B 21 13.88 32.20 -10.77
CA TYR B 21 13.07 32.64 -9.62
C TYR B 21 13.59 33.97 -9.11
N PRO B 22 13.27 35.08 -9.82
CA PRO B 22 13.90 36.35 -9.48
C PRO B 22 13.67 36.87 -8.07
N ILE B 23 12.63 36.39 -7.40
CA ILE B 23 12.34 36.74 -6.01
C ILE B 23 13.45 36.25 -5.04
N ALA B 24 14.34 35.37 -5.52
CA ALA B 24 15.51 34.92 -4.74
C ALA B 24 16.31 36.09 -4.15
N ASN B 25 16.33 37.21 -4.89
CA ASN B 25 16.98 38.45 -4.42
C ASN B 25 16.04 39.45 -3.74
N GLY B 26 14.88 38.98 -3.27
CA GLY B 26 13.88 39.82 -2.61
C GLY B 26 14.28 40.31 -1.22
N ASN B 27 13.38 41.07 -0.62
CA ASN B 27 13.58 41.68 0.70
C ASN B 27 13.10 40.85 1.87
N ASN B 28 12.42 39.72 1.61
CA ASN B 28 11.92 38.89 2.73
C ASN B 28 12.34 37.43 2.56
N GLN B 29 13.60 37.21 2.22
CA GLN B 29 14.09 35.84 1.92
C GLN B 29 14.56 35.12 3.18
N SER B 30 14.42 33.79 3.17
CA SER B 30 14.81 32.90 4.27
C SER B 30 15.75 31.83 3.75
N PRO B 31 16.56 31.19 4.61
CA PRO B 31 16.64 31.42 6.05
C PRO B 31 17.47 32.67 6.36
N VAL B 32 17.54 32.99 7.64
CA VAL B 32 18.36 34.11 8.12
C VAL B 32 19.19 33.68 9.32
N ASP B 33 20.23 34.46 9.62
CA ASP B 33 20.92 34.35 10.90
C ASP B 33 20.16 35.14 11.96
N ILE B 34 19.94 34.50 13.11
CA ILE B 34 19.33 35.18 14.23
C ILE B 34 20.42 35.68 15.17
N LYS B 35 20.62 37.00 15.13
CA LYS B 35 21.56 37.70 15.99
C LYS B 35 20.83 38.01 17.31
N THR B 36 21.14 37.25 18.36
CA THR B 36 20.35 37.32 19.61
C THR B 36 20.42 38.69 20.31
N SER B 37 21.51 39.40 20.09
CA SER B 37 21.67 40.76 20.62
C SER B 37 20.76 41.79 19.91
N GLU B 38 20.25 41.45 18.72
CA GLU B 38 19.38 42.33 17.94
C GLU B 38 17.87 41.94 18.00
N THR B 39 17.54 40.88 18.73
CA THR B 39 16.12 40.47 18.82
C THR B 39 15.37 41.42 19.72
N LYS B 40 14.07 41.55 19.48
CA LYS B 40 13.20 42.40 20.29
C LYS B 40 12.13 41.56 20.97
N HIS B 41 12.02 41.67 22.29
CA HIS B 41 10.89 41.06 22.99
C HIS B 41 9.56 41.78 22.74
N ASP B 42 8.55 41.02 22.31
CA ASP B 42 7.26 41.57 21.93
C ASP B 42 6.23 40.94 22.87
N THR B 43 5.60 41.77 23.71
CA THR B 43 4.67 41.29 24.73
C THR B 43 3.38 40.73 24.11
N SER B 44 3.11 41.07 22.84
CA SER B 44 1.90 40.59 22.15
C SER B 44 2.05 39.16 21.64
N LEU B 45 3.27 38.64 21.64
CA LEU B 45 3.46 37.21 21.26
C LEU B 45 2.94 36.24 22.29
N LYS B 46 1.88 35.51 21.93
CA LYS B 46 1.34 34.51 22.82
C LYS B 46 2.19 33.23 22.69
N PRO B 47 2.09 32.31 23.66
CA PRO B 47 2.73 30.99 23.47
C PRO B 47 2.20 30.33 22.20
N ILE B 48 3.03 29.52 21.54
CA ILE B 48 2.47 28.76 20.43
C ILE B 48 1.75 27.55 20.99
N SER B 49 0.65 27.18 20.34
CA SER B 49 -0.18 26.06 20.74
C SER B 49 -0.29 25.16 19.49
N VAL B 50 0.20 23.93 19.60
CA VAL B 50 0.00 22.98 18.50
C VAL B 50 -0.99 21.93 18.94
N SER B 51 -1.95 21.67 18.07
CA SER B 51 -3.05 20.79 18.35
C SER B 51 -3.18 19.86 17.13
N TYR B 52 -2.36 18.82 17.11
CA TYR B 52 -2.30 17.92 15.95
C TYR B 52 -3.06 16.63 16.23
N ASN B 53 -3.65 16.06 15.19
CA ASN B 53 -4.38 14.80 15.29
C ASN B 53 -3.53 13.75 14.56
N PRO B 54 -3.09 12.70 15.27
CA PRO B 54 -2.19 11.75 14.58
C PRO B 54 -2.87 11.01 13.42
N ALA B 55 -4.21 10.97 13.43
CA ALA B 55 -4.95 10.34 12.32
C ALA B 55 -4.90 11.13 11.02
N THR B 56 -4.40 12.36 11.06
CA THR B 56 -4.18 13.12 9.82
C THR B 56 -2.89 12.74 9.06
N ALA B 57 -1.99 11.94 9.64
CA ALA B 57 -0.74 11.57 8.92
C ALA B 57 -1.17 10.74 7.71
N LYS B 58 -0.59 11.00 6.53
CA LYS B 58 -1.06 10.36 5.29
C LYS B 58 0.00 9.59 4.52
N GLU B 59 1.06 10.28 4.12
CA GLU B 59 1.99 9.73 3.12
C GLU B 59 3.38 10.31 3.28
N ILE B 60 4.37 9.49 2.96
CA ILE B 60 5.76 9.93 2.85
C ILE B 60 6.17 9.79 1.37
N ILE B 61 6.85 10.81 0.87
CA ILE B 61 7.17 10.85 -0.56
C ILE B 61 8.57 11.41 -0.80
N ASN B 62 9.30 10.77 -1.72
CA ASN B 62 10.57 11.28 -2.16
C ASN B 62 10.34 12.30 -3.26
N VAL B 63 10.73 13.56 -2.98
CA VAL B 63 10.55 14.69 -3.94
C VAL B 63 11.83 15.06 -4.73
N GLY B 64 12.80 14.17 -4.75
CA GLY B 64 14.00 14.39 -5.55
C GLY B 64 15.10 15.11 -4.81
N HIS B 65 14.81 16.29 -4.26
CA HIS B 65 15.78 17.05 -3.49
C HIS B 65 15.62 16.84 -1.97
N SER B 66 14.52 16.19 -1.58
CA SER B 66 14.22 15.98 -0.16
C SER B 66 13.16 14.90 -0.08
N PHE B 67 12.60 14.68 1.11
CA PHE B 67 11.40 13.86 1.25
C PHE B 67 10.43 14.64 2.13
N HIS B 68 9.15 14.37 1.91
CA HIS B 68 8.06 15.04 2.63
C HIS B 68 7.15 14.04 3.32
N VAL B 69 6.70 14.40 4.53
CA VAL B 69 5.68 13.63 5.21
C VAL B 69 4.42 14.50 5.21
N ASN B 70 3.42 14.05 4.46
CA ASN B 70 2.20 14.84 4.20
C ASN B 70 1.05 14.40 5.05
N PHE B 71 0.20 15.38 5.38
CA PHE B 71 -0.99 15.21 6.22
C PHE B 71 -2.24 15.52 5.45
N GLU B 72 -3.33 14.81 5.78
CA GLU B 72 -4.65 15.13 5.23
C GLU B 72 -5.01 16.57 5.63
N ASP B 73 -5.40 17.42 4.68
CA ASP B 73 -5.60 18.83 5.07
C ASP B 73 -6.91 19.44 4.55
N ASN B 74 -7.95 18.59 4.51
CA ASN B 74 -9.30 18.98 4.07
C ASN B 74 -10.16 19.59 5.20
N ASP B 75 -9.63 19.58 6.41
CA ASP B 75 -10.31 20.17 7.57
C ASP B 75 -9.28 20.62 8.60
N ASN B 76 -9.74 21.19 9.70
CA ASN B 76 -8.87 21.73 10.75
C ASN B 76 -8.62 20.78 11.92
N ARG B 77 -8.57 19.47 11.68
CA ARG B 77 -8.23 18.54 12.74
C ARG B 77 -6.85 18.81 13.38
N SER B 78 -5.87 19.27 12.56
CA SER B 78 -4.48 19.51 13.00
C SER B 78 -4.11 20.96 12.71
N VAL B 79 -3.92 21.74 13.78
CA VAL B 79 -3.73 23.20 13.63
C VAL B 79 -2.64 23.73 14.53
N LEU B 80 -2.06 24.84 14.08
CA LEU B 80 -1.17 25.66 14.89
C LEU B 80 -1.91 26.93 15.26
N LYS B 81 -1.79 27.32 16.53
CA LYS B 81 -2.43 28.55 17.05
C LYS B 81 -1.47 29.39 17.86
N GLY B 82 -1.85 30.64 18.16
CA GLY B 82 -1.05 31.44 19.11
C GLY B 82 0.13 32.10 18.46
N GLY B 83 1.16 32.40 19.26
CA GLY B 83 2.33 33.12 18.76
C GLY B 83 1.90 34.46 18.18
N PRO B 84 2.28 34.75 16.94
CA PRO B 84 1.93 36.03 16.30
C PRO B 84 0.62 35.96 15.50
N PHE B 85 -0.10 34.85 15.63
CA PHE B 85 -1.26 34.59 14.75
C PHE B 85 -2.58 34.94 15.41
N SER B 86 -3.50 35.49 14.63
CA SER B 86 -4.86 35.67 15.11
C SER B 86 -5.79 34.54 14.64
N ASP B 87 -5.36 33.83 13.60
CA ASP B 87 -6.09 32.71 12.99
C ASP B 87 -5.33 31.41 13.22
N SER B 88 -6.04 30.28 13.22
CA SER B 88 -5.42 28.94 13.14
C SER B 88 -4.84 28.66 11.75
N TYR B 89 -3.67 28.04 11.72
CA TYR B 89 -3.04 27.59 10.46
C TYR B 89 -3.12 26.06 10.42
N ARG B 90 -3.42 25.51 9.24
CA ARG B 90 -3.66 24.07 9.07
C ARG B 90 -2.37 23.34 8.77
N LEU B 91 -2.05 22.34 9.59
CA LEU B 91 -0.86 21.46 9.31
C LEU B 91 -1.01 20.77 7.97
N PHE B 92 0.05 20.82 7.16
CA PHE B 92 0.05 19.99 5.94
C PHE B 92 1.25 19.08 5.76
N GLN B 93 2.37 19.37 6.41
CA GLN B 93 3.59 18.62 6.11
C GLN B 93 4.67 18.84 7.14
N PHE B 94 5.57 17.85 7.26
CA PHE B 94 6.89 18.20 7.80
C PHE B 94 7.96 17.61 6.93
N HIS B 95 9.14 18.21 7.02
CA HIS B 95 10.28 17.71 6.26
C HIS B 95 11.56 18.22 6.95
N PHE B 96 12.72 17.83 6.40
CA PHE B 96 13.99 18.19 6.97
C PHE B 96 14.92 18.80 5.91
N HIS B 97 15.94 19.50 6.42
CA HIS B 97 17.08 19.86 5.58
C HIS B 97 18.32 19.40 6.30
N TRP B 98 19.32 19.06 5.49
CA TRP B 98 20.61 18.59 6.00
C TRP B 98 21.71 19.02 5.07
N GLY B 99 22.95 18.78 5.51
CA GLY B 99 24.16 19.24 4.81
C GLY B 99 25.05 18.09 4.40
N SER B 100 26.07 18.42 3.60
CA SER B 100 27.01 17.41 3.12
CA SER B 100 27.05 17.45 3.11
C SER B 100 27.87 16.86 4.25
N THR B 101 28.04 17.66 5.32
CA THR B 101 28.78 17.26 6.52
C THR B 101 27.91 17.55 7.74
N ASN B 102 28.25 16.93 8.87
CA ASN B 102 27.58 17.32 10.15
C ASN B 102 27.77 18.75 10.63
N GLU B 103 28.79 19.45 10.13
CA GLU B 103 29.12 20.80 10.61
C GLU B 103 28.22 21.93 10.08
N HIS B 104 27.47 21.66 9.02
CA HIS B 104 26.50 22.64 8.51
C HIS B 104 25.47 21.96 7.70
N GLY B 105 24.33 21.74 8.34
CA GLY B 105 23.20 21.19 7.65
C GLY B 105 21.93 21.99 7.89
N SER B 106 21.93 22.86 8.89
CA SER B 106 20.72 23.64 9.15
C SER B 106 20.58 24.76 8.12
N GLU B 107 19.40 25.38 8.10
CA GLU B 107 19.18 26.53 7.23
C GLU B 107 19.31 27.80 8.06
N HIS B 108 18.47 27.98 9.07
CA HIS B 108 18.68 29.06 10.03
C HIS B 108 19.96 28.83 10.85
N THR B 109 20.55 29.94 11.29
CA THR B 109 21.70 29.93 12.20
C THR B 109 21.39 30.87 13.35
N VAL B 110 22.11 30.69 14.46
CA VAL B 110 21.90 31.53 15.63
C VAL B 110 23.25 32.06 16.09
N ASP B 111 23.40 33.38 16.06
CA ASP B 111 24.70 34.04 16.33
C ASP B 111 25.84 33.39 15.52
N GLY B 112 25.52 33.08 14.25
CA GLY B 112 26.46 32.48 13.31
C GLY B 112 26.71 30.99 13.46
N VAL B 113 26.07 30.33 14.42
CA VAL B 113 26.30 28.92 14.68
C VAL B 113 25.39 28.13 13.74
N LYS B 114 26.03 27.26 12.96
CA LYS B 114 25.38 26.33 12.04
C LYS B 114 25.14 25.03 12.75
N TYR B 115 23.91 24.53 12.66
CA TYR B 115 23.55 23.23 13.22
C TYR B 115 23.66 22.13 12.15
N SER B 116 23.45 20.86 12.54
CA SER B 116 23.64 19.73 11.65
CA SER B 116 23.64 19.73 11.65
C SER B 116 22.47 19.49 10.70
N ALA B 117 21.27 19.90 11.10
CA ALA B 117 20.08 19.70 10.26
C ALA B 117 18.98 20.62 10.82
N GLU B 118 17.83 20.61 10.15
CA GLU B 118 16.71 21.43 10.59
C GLU B 118 15.41 20.73 10.22
N LEU B 119 14.45 20.79 11.15
CA LEU B 119 13.11 20.25 10.95
C LEU B 119 12.18 21.41 10.63
N HIS B 120 11.34 21.25 9.58
CA HIS B 120 10.31 22.24 9.23
C HIS B 120 8.94 21.61 9.33
N VAL B 121 8.04 22.26 10.07
CA VAL B 121 6.66 21.81 10.20
C VAL B 121 5.78 22.90 9.58
N ALA B 122 5.14 22.58 8.47
CA ALA B 122 4.52 23.61 7.62
C ALA B 122 3.01 23.61 7.72
N HIS B 123 2.43 24.81 7.65
CA HIS B 123 0.98 25.02 7.88
C HIS B 123 0.48 26.09 6.90
N TRP B 124 -0.81 26.05 6.57
CA TRP B 124 -1.38 27.08 5.69
C TRP B 124 -2.61 27.77 6.26
N ASN B 125 -2.83 29.00 5.81
CA ASN B 125 -3.92 29.83 6.31
C ASN B 125 -5.30 29.49 5.69
N SER B 126 -5.93 28.46 6.23
CA SER B 126 -7.23 27.98 5.70
C SER B 126 -8.39 28.87 6.07
N ALA B 127 -8.21 29.73 7.07
CA ALA B 127 -9.26 30.70 7.45
C ALA B 127 -9.43 31.78 6.39
N LYS B 128 -8.33 32.22 5.81
CA LYS B 128 -8.36 33.27 4.80
C LYS B 128 -8.52 32.72 3.38
N TYR B 129 -7.81 31.63 3.06
CA TYR B 129 -7.68 31.15 1.68
C TYR B 129 -8.44 29.86 1.42
N SER B 130 -8.82 29.65 0.17
CA SER B 130 -9.63 28.52 -0.21
C SER B 130 -8.81 27.22 -0.36
N SER B 131 -7.50 27.34 -0.53
CA SER B 131 -6.65 26.20 -0.84
C SER B 131 -5.18 26.52 -0.53
N LEU B 132 -4.39 25.49 -0.30
CA LEU B 132 -2.94 25.61 -0.18
C LEU B 132 -2.35 26.23 -1.45
N ALA B 133 -2.86 25.81 -2.62
CA ALA B 133 -2.37 26.34 -3.91
C ALA B 133 -2.46 27.87 -3.94
N GLU B 134 -3.56 28.43 -3.43
CA GLU B 134 -3.76 29.88 -3.30
C GLU B 134 -2.92 30.47 -2.18
N ALA B 135 -2.89 29.80 -1.02
CA ALA B 135 -2.23 30.38 0.16
C ALA B 135 -0.73 30.50 -0.02
N ALA B 136 -0.13 29.58 -0.78
CA ALA B 136 1.32 29.44 -0.81
C ALA B 136 2.07 30.67 -1.33
N SER B 137 1.35 31.53 -2.08
CA SER B 137 1.96 32.71 -2.69
C SER B 137 1.59 34.02 -2.00
N LYS B 138 0.87 33.94 -0.88
CA LYS B 138 0.34 35.12 -0.17
C LYS B 138 1.21 35.42 1.03
N ALA B 139 1.43 36.70 1.35
CA ALA B 139 2.33 37.10 2.45
C ALA B 139 1.95 36.45 3.78
N ASP B 140 0.66 36.32 4.03
CA ASP B 140 0.13 35.75 5.26
C ASP B 140 -0.34 34.30 5.08
N GLY B 141 0.13 33.67 4.02
CA GLY B 141 -0.43 32.34 3.63
C GLY B 141 0.10 31.11 4.36
N LEU B 142 1.34 31.14 4.82
CA LEU B 142 2.01 29.95 5.43
C LEU B 142 2.64 30.28 6.77
N ALA B 143 2.70 29.27 7.63
CA ALA B 143 3.46 29.35 8.87
C ALA B 143 4.34 28.11 8.96
N VAL B 144 5.62 28.30 9.22
CA VAL B 144 6.54 27.16 9.37
C VAL B 144 7.27 27.21 10.72
N ILE B 145 7.22 26.11 11.48
CA ILE B 145 8.00 25.96 12.69
C ILE B 145 9.34 25.36 12.29
N GLY B 146 10.44 26.00 12.69
CA GLY B 146 11.77 25.43 12.47
C GLY B 146 12.45 25.03 13.78
N VAL B 147 13.05 23.84 13.76
CA VAL B 147 13.75 23.29 14.92
C VAL B 147 15.15 22.91 14.45
N LEU B 148 16.13 23.49 15.11
CA LEU B 148 17.52 23.16 14.87
C LEU B 148 17.87 21.83 15.46
N MET B 149 18.63 21.04 14.70
CA MET B 149 19.02 19.70 15.07
C MET B 149 20.54 19.65 15.27
N LYS B 150 20.94 19.25 16.48
CA LYS B 150 22.35 19.25 16.90
C LYS B 150 22.89 17.81 16.93
N VAL B 151 23.95 17.52 16.16
CA VAL B 151 24.53 16.17 16.14
C VAL B 151 25.01 15.74 17.54
N GLY B 152 24.67 14.50 17.89
CA GLY B 152 25.03 13.93 19.21
C GLY B 152 24.36 12.59 19.33
N GLU B 153 23.63 12.39 20.41
CA GLU B 153 22.92 11.12 20.64
C GLU B 153 21.83 10.89 19.61
N ALA B 154 21.64 9.64 19.22
CA ALA B 154 20.48 9.25 18.39
C ALA B 154 19.18 9.71 18.99
N ASN B 155 18.30 10.21 18.12
CA ASN B 155 17.03 10.72 18.56
C ASN B 155 15.97 9.66 18.29
N PRO B 156 15.46 8.97 19.33
CA PRO B 156 14.56 7.86 19.00
C PRO B 156 13.21 8.30 18.44
N LYS B 157 12.85 9.57 18.61
CA LYS B 157 11.60 10.04 18.09
C LYS B 157 11.61 10.15 16.56
N LEU B 158 12.81 10.13 15.97
CA LEU B 158 12.96 10.04 14.51
C LEU B 158 12.77 8.64 13.93
N GLN B 159 12.63 7.61 14.79
CA GLN B 159 12.62 6.20 14.30
C GLN B 159 11.58 5.85 13.23
N LYS B 160 10.31 6.20 13.44
CA LYS B 160 9.28 5.86 12.46
C LYS B 160 9.61 6.49 11.11
N VAL B 161 10.12 7.74 11.15
CA VAL B 161 10.46 8.44 9.91
C VAL B 161 11.62 7.73 9.20
N LEU B 162 12.70 7.50 9.94
CA LEU B 162 13.87 6.87 9.33
C LEU B 162 13.58 5.46 8.80
N ASP B 163 12.78 4.69 9.54
CA ASP B 163 12.39 3.32 9.13
C ASP B 163 11.60 3.31 7.82
N ALA B 164 10.88 4.41 7.54
CA ALA B 164 10.04 4.50 6.34
C ALA B 164 10.82 4.78 5.05
N LEU B 165 12.06 5.27 5.21
CA LEU B 165 12.84 5.74 4.05
C LEU B 165 13.19 4.63 3.06
N GLN B 166 13.34 3.39 3.57
CA GLN B 166 13.64 2.25 2.67
C GLN B 166 12.56 2.01 1.60
N ALA B 167 11.35 2.55 1.79
CA ALA B 167 10.24 2.34 0.85
C ALA B 167 10.10 3.47 -0.15
N ILE B 168 10.92 4.53 0.02
CA ILE B 168 10.85 5.72 -0.86
C ILE B 168 12.23 6.13 -1.36
N LYS B 169 13.03 5.15 -1.81
CA LYS B 169 14.44 5.43 -2.02
C LYS B 169 14.72 6.35 -3.19
N THR B 170 13.87 6.27 -4.22
CA THR B 170 14.07 7.07 -5.43
C THR B 170 12.95 8.09 -5.69
N LYS B 171 13.25 9.07 -6.53
CA LYS B 171 12.37 10.23 -6.81
C LYS B 171 11.03 9.78 -7.29
N GLY B 172 9.99 10.29 -6.62
CA GLY B 172 8.61 9.95 -6.98
C GLY B 172 7.99 8.79 -6.22
N LYS B 173 8.81 7.97 -5.55
CA LYS B 173 8.26 6.88 -4.73
C LYS B 173 7.55 7.45 -3.50
N ARG B 174 6.48 6.79 -3.13
CA ARG B 174 5.65 7.18 -2.01
C ARG B 174 5.16 5.96 -1.26
N ALA B 175 4.79 6.16 0.00
CA ALA B 175 4.27 5.09 0.84
C ALA B 175 3.31 5.66 1.88
N PRO B 176 2.27 4.90 2.28
CA PRO B 176 1.45 5.34 3.42
C PRO B 176 2.29 5.59 4.69
N PHE B 177 1.96 6.65 5.41
CA PHE B 177 2.65 6.98 6.65
C PHE B 177 1.53 7.51 7.56
N THR B 178 1.13 6.68 8.53
CA THR B 178 -0.09 6.94 9.29
C THR B 178 0.12 6.95 10.79
N ASN B 179 -0.85 7.54 11.50
CA ASN B 179 -0.87 7.55 12.97
C ASN B 179 0.41 8.13 13.55
N PHE B 180 0.60 9.42 13.30
CA PHE B 180 1.83 10.11 13.72
C PHE B 180 1.52 11.57 14.02
N ASP B 181 1.87 11.97 15.24
CA ASP B 181 1.76 13.36 15.72
C ASP B 181 3.16 13.98 15.68
N PRO B 182 3.40 14.91 14.74
CA PRO B 182 4.74 15.47 14.60
C PRO B 182 5.13 16.45 15.71
N SER B 183 4.20 16.80 16.61
CA SER B 183 4.63 17.61 17.76
C SER B 183 5.52 16.80 18.70
N THR B 184 5.56 15.47 18.51
CA THR B 184 6.48 14.61 19.24
C THR B 184 7.97 14.91 18.91
N LEU B 185 8.18 15.57 17.77
CA LEU B 185 9.53 15.91 17.32
C LEU B 185 10.03 17.25 17.85
N LEU B 186 9.13 18.04 18.42
CA LEU B 186 9.46 19.38 18.93
C LEU B 186 10.24 19.29 20.24
N PRO B 187 11.04 20.32 20.57
CA PRO B 187 11.70 20.37 21.86
C PRO B 187 10.67 20.53 23.03
N SER B 188 11.16 20.32 24.26
CA SER B 188 10.31 20.40 25.46
CA SER B 188 10.30 20.39 25.46
C SER B 188 9.69 21.79 25.65
N SER B 189 10.53 22.82 25.54
CA SER B 189 10.10 24.22 25.62
C SER B 189 9.85 24.74 24.22
N LEU B 190 8.80 25.55 24.07
CA LEU B 190 8.45 26.15 22.79
C LEU B 190 8.67 27.69 22.78
N ASP B 191 9.65 28.16 23.59
CA ASP B 191 10.15 29.55 23.42
C ASP B 191 10.61 29.70 21.97
N PHE B 192 10.36 30.86 21.36
CA PHE B 192 10.62 31.01 19.94
C PHE B 192 11.00 32.42 19.51
N TRP B 193 11.61 32.49 18.34
CA TRP B 193 11.77 33.70 17.57
C TRP B 193 10.80 33.70 16.38
N THR B 194 10.38 34.88 15.95
CA THR B 194 9.55 34.97 14.74
C THR B 194 9.97 36.12 13.83
N TYR B 195 9.85 35.91 12.52
CA TYR B 195 10.14 36.96 11.56
C TYR B 195 9.39 36.64 10.27
N PRO B 196 9.14 37.65 9.44
CA PRO B 196 8.50 37.44 8.14
C PRO B 196 9.52 37.01 7.09
N GLY B 197 9.27 35.89 6.42
CA GLY B 197 10.20 35.39 5.42
C GLY B 197 9.57 34.64 4.27
N SER B 198 10.30 33.62 3.78
CA SER B 198 9.97 33.00 2.51
C SER B 198 10.11 31.50 2.61
N LEU B 199 9.58 30.78 1.62
CA LEU B 199 10.08 29.42 1.35
C LEU B 199 11.59 29.44 1.14
N THR B 200 12.31 28.43 1.65
CA THR B 200 13.77 28.43 1.51
C THR B 200 14.26 27.76 0.22
N HIS B 201 13.34 27.28 -0.62
CA HIS B 201 13.72 26.81 -1.95
C HIS B 201 12.66 27.26 -2.98
N PRO B 202 12.95 27.10 -4.30
CA PRO B 202 11.96 27.54 -5.28
C PRO B 202 10.55 26.94 -5.00
N PRO B 203 9.49 27.73 -5.17
CA PRO B 203 9.50 29.01 -5.87
C PRO B 203 9.87 30.24 -5.02
N LEU B 204 10.28 30.02 -3.76
CA LEU B 204 10.88 31.12 -2.92
C LEU B 204 9.90 32.25 -2.56
N TYR B 205 8.60 31.94 -2.61
CA TYR B 205 7.57 32.91 -2.28
C TYR B 205 7.75 33.51 -0.88
N GLU B 206 7.55 34.82 -0.76
CA GLU B 206 7.66 35.50 0.53
C GLU B 206 6.35 35.41 1.29
N SER B 207 6.01 34.17 1.65
CA SER B 207 4.69 33.87 2.15
C SER B 207 4.71 33.25 3.54
N VAL B 208 5.88 33.21 4.16
CA VAL B 208 6.04 32.43 5.41
C VAL B 208 6.25 33.27 6.67
N THR B 209 5.41 33.06 7.68
CA THR B 209 5.71 33.53 9.05
C THR B 209 6.49 32.45 9.75
N TRP B 210 7.77 32.72 10.04
CA TRP B 210 8.64 31.72 10.69
C TRP B 210 8.49 31.71 12.20
N ILE B 211 8.49 30.51 12.77
CA ILE B 211 8.53 30.29 14.20
C ILE B 211 9.79 29.44 14.40
N ILE B 212 10.88 30.05 14.91
CA ILE B 212 12.12 29.29 15.12
C ILE B 212 12.26 28.99 16.60
N CYS B 213 12.28 27.71 16.94
CA CYS B 213 12.41 27.32 18.37
C CYS B 213 13.79 27.74 18.93
N LYS B 214 13.82 28.27 20.15
CA LYS B 214 15.07 28.52 20.85
C LYS B 214 15.84 27.24 21.19
N GLU B 215 15.13 26.19 21.54
CA GLU B 215 15.76 24.95 21.91
C GLU B 215 15.95 24.01 20.73
N SER B 216 17.10 23.36 20.66
CA SER B 216 17.39 22.35 19.64
C SER B 216 16.94 20.93 20.07
N ILE B 217 16.94 20.00 19.12
CA ILE B 217 16.73 18.56 19.36
C ILE B 217 17.97 17.83 18.84
N SER B 218 18.15 16.59 19.26
CA SER B 218 19.31 15.78 18.87
CA SER B 218 19.31 15.78 18.87
C SER B 218 19.10 15.00 17.57
N VAL B 219 20.20 14.55 17.00
CA VAL B 219 20.18 13.62 15.87
C VAL B 219 21.59 12.99 15.86
N SER B 220 21.71 11.71 15.53
CA SER B 220 23.05 11.12 15.44
C SER B 220 23.67 11.23 14.03
N SER B 221 24.99 11.02 13.98
CA SER B 221 25.73 10.97 12.71
CA SER B 221 25.72 10.99 12.70
C SER B 221 25.13 9.92 11.77
N GLU B 222 24.75 8.77 12.31
CA GLU B 222 24.22 7.69 11.48
C GLU B 222 22.81 7.99 10.99
N GLN B 223 22.04 8.72 11.82
CA GLN B 223 20.70 9.13 11.37
C GLN B 223 20.78 10.11 10.21
N LEU B 224 21.70 11.07 10.30
CA LEU B 224 21.94 11.98 9.18
C LEU B 224 22.37 11.23 7.91
N ALA B 225 23.18 10.19 8.07
CA ALA B 225 23.64 9.40 6.92
C ALA B 225 22.45 8.68 6.25
N GLN B 226 21.42 8.30 7.02
CA GLN B 226 20.19 7.75 6.43
C GLN B 226 19.49 8.75 5.52
N PHE B 227 19.41 10.02 5.96
CA PHE B 227 18.84 11.06 5.07
C PHE B 227 19.65 11.12 3.76
N ARG B 228 20.98 11.12 3.91
CA ARG B 228 21.87 11.25 2.73
C ARG B 228 21.89 10.01 1.86
N SER B 229 21.34 8.90 2.36
CA SER B 229 21.21 7.65 1.59
CA SER B 229 21.23 7.66 1.57
C SER B 229 20.02 7.65 0.64
N LEU B 230 19.09 8.62 0.82
CA LEU B 230 18.02 8.75 -0.15
C LEU B 230 18.60 9.16 -1.50
N LEU B 231 17.91 8.77 -2.56
CA LEU B 231 18.39 9.01 -3.95
C LEU B 231 17.55 10.06 -4.65
N SER B 232 18.23 11.00 -5.32
CA SER B 232 17.57 12.06 -6.09
C SER B 232 17.09 11.63 -7.49
N ASN B 233 17.64 10.53 -7.98
CA ASN B 233 17.28 10.02 -9.33
C ASN B 233 16.00 9.21 -9.30
N VAL B 234 15.38 8.97 -10.47
CA VAL B 234 14.29 8.02 -10.57
C VAL B 234 14.82 6.60 -10.65
N GLU B 235 13.96 5.66 -10.26
CA GLU B 235 14.24 4.23 -10.28
C GLU B 235 14.79 3.79 -11.62
N GLY B 236 15.85 2.99 -11.58
CA GLY B 236 16.49 2.47 -12.81
C GLY B 236 17.70 3.26 -13.27
N ASP B 237 17.72 4.55 -12.94
CA ASP B 237 18.85 5.40 -13.28
C ASP B 237 19.98 5.17 -12.27
N ASN B 238 21.20 5.56 -12.64
CA ASN B 238 22.34 5.47 -11.72
C ASN B 238 22.00 6.23 -10.45
N ALA B 239 22.33 5.64 -9.31
CA ALA B 239 22.01 6.20 -8.00
C ALA B 239 22.81 7.47 -7.70
N VAL B 240 22.10 8.53 -7.30
CA VAL B 240 22.72 9.81 -6.95
C VAL B 240 22.21 10.18 -5.53
N PRO B 241 23.05 10.00 -4.49
CA PRO B 241 22.61 10.30 -3.11
C PRO B 241 22.21 11.77 -2.92
N MET B 242 21.23 12.00 -2.05
CA MET B 242 20.77 13.34 -1.69
C MET B 242 21.69 13.90 -0.63
N GLN B 243 22.83 14.44 -1.03
CA GLN B 243 23.87 14.80 -0.10
C GLN B 243 23.57 16.03 0.76
N HIS B 244 22.81 16.97 0.20
CA HIS B 244 22.49 18.22 0.93
C HIS B 244 21.31 18.95 0.30
N ASN B 245 20.67 19.80 1.10
CA ASN B 245 19.50 20.56 0.61
C ASN B 245 19.26 21.80 1.47
N ASN B 246 20.34 22.40 1.97
CA ASN B 246 20.20 23.63 2.77
C ASN B 246 20.63 24.87 2.03
N ARG B 247 19.80 25.89 2.10
CA ARG B 247 20.08 27.22 1.53
C ARG B 247 20.95 28.07 2.48
N PRO B 248 21.93 28.82 1.92
CA PRO B 248 22.66 29.78 2.76
C PRO B 248 21.74 30.84 3.36
N THR B 249 22.12 31.44 4.49
CA THR B 249 21.36 32.54 5.05
C THR B 249 21.37 33.80 4.16
N GLN B 250 20.24 34.51 4.20
CA GLN B 250 19.94 35.66 3.33
C GLN B 250 19.88 36.95 4.16
N PRO B 251 20.11 38.11 3.52
CA PRO B 251 20.12 39.32 4.35
C PRO B 251 18.78 39.71 4.93
N LEU B 252 18.80 40.17 6.19
CA LEU B 252 17.59 40.63 6.89
C LEU B 252 16.90 41.82 6.23
N LYS B 253 17.68 42.71 5.59
CA LYS B 253 17.12 43.86 4.85
C LYS B 253 16.13 44.67 5.70
N GLY B 254 16.49 44.92 6.94
CA GLY B 254 15.72 45.79 7.83
C GLY B 254 14.62 45.11 8.62
N ARG B 255 14.43 43.80 8.41
CA ARG B 255 13.43 43.03 9.18
C ARG B 255 13.87 42.88 10.63
N THR B 256 12.89 42.73 11.50
CA THR B 256 13.09 42.52 12.93
C THR B 256 12.74 41.08 13.27
N VAL B 257 13.66 40.43 13.97
CA VAL B 257 13.38 39.15 14.59
C VAL B 257 12.85 39.42 15.99
N ARG B 258 11.62 39.00 16.26
CA ARG B 258 11.01 39.15 17.57
C ARG B 258 11.20 37.91 18.41
N ALA B 259 11.33 38.09 19.73
CA ALA B 259 11.48 36.97 20.66
C ALA B 259 10.26 36.88 21.54
N SER B 260 9.84 35.65 21.83
CA SER B 260 8.73 35.41 22.73
C SER B 260 9.16 35.44 24.19
N PHE B 261 10.47 35.45 24.44
CA PHE B 261 11.06 35.23 25.77
C PHE B 261 12.11 36.31 26.05
ZN ZN C . -10.65 -22.42 -10.31
C ACT D . -18.64 -18.28 -21.40
O ACT D . -19.53 -18.86 -20.71
OXT ACT D . -18.64 -17.06 -21.65
CH3 ACT D . -17.52 -19.10 -21.95
C ACT E . 2.39 -19.61 -8.50
O ACT E . 1.99 -20.54 -7.74
OXT ACT E . 1.96 -18.45 -8.41
CH3 ACT E . 3.42 -19.84 -9.57
C1 GOL F . -24.43 -6.67 -11.08
O1 GOL F . -24.98 -5.99 -9.94
C2 GOL F . -24.47 -5.74 -12.29
O2 GOL F . -25.28 -6.33 -13.30
C3 GOL F . -23.04 -5.48 -12.82
O3 GOL F . -22.56 -6.58 -13.58
C1 GOL G . -5.94 -9.95 10.30
O1 GOL G . -6.52 -8.65 10.16
C2 GOL G . -4.53 -9.85 10.86
O2 GOL G . -4.58 -9.77 12.29
C3 GOL G . -3.77 -11.11 10.47
O3 GOL G . -3.28 -10.98 9.13
C2 GZE H . -18.39 -20.40 -15.95
C3 GZE H . -17.90 -21.66 -15.63
C4 GZE H . -17.09 -22.35 -16.54
C5 GZE H . -16.79 -21.78 -17.76
C6 GZE H . -17.30 -20.55 -18.10
O1 GZE H . -13.43 -19.75 -12.09
C7 GZE H . -18.10 -19.87 -17.21
C9 GZE H . -19.20 -19.63 -14.94
O3 GZE H . -13.08 -20.70 -9.86
CL8 GZE H . -18.80 -18.38 -17.75
F10 GZE H . -18.90 -18.34 -14.90
F11 GZE H . -20.52 -19.69 -15.18
F12 GZE H . -19.02 -20.08 -13.69
N13 GZE H . -16.60 -23.65 -16.32
C14 GZE H . -16.83 -24.50 -15.27
O15 GZE H . -17.19 -25.66 -15.46
N16 GZE H . -16.59 -23.98 -14.00
C17 GZE H . -15.74 -22.93 -13.55
C18 GZE H . -14.57 -22.54 -14.21
C19 GZE H . -13.81 -21.50 -13.72
C20 GZE H . -14.20 -20.84 -12.55
C21 GZE H . -15.35 -21.21 -11.89
C22 GZE H . -16.13 -22.25 -12.39
S2 GZE H . -12.39 -20.00 -10.88
O5 GZE H . -11.92 -18.67 -10.67
N6 GZE H . -11.23 -20.90 -11.48
ZN ZN I . 12.06 23.41 4.57
C1 GOL J . 19.88 19.09 21.53
O1 GOL J . 20.00 20.24 22.37
C2 GOL J . 20.97 18.09 21.91
O2 GOL J . 20.33 16.98 22.52
C3 GOL J . 21.64 17.76 20.58
O3 GOL J . 22.69 16.80 20.51
C2 GZE K . 3.69 25.15 -3.19
C3 GZE K . 4.66 24.59 -2.38
C4 GZE K . 4.34 23.57 -1.50
C5 GZE K . 3.03 23.12 -1.41
C6 GZE K . 2.05 23.66 -2.21
O1 GZE K . 9.46 26.07 2.62
C7 GZE K . 2.38 24.66 -3.12
C9 GZE K . 4.06 26.31 -4.08
O3 GZE K . 10.95 27.21 3.95
CL8 GZE K . 1.14 25.18 -4.20
F10 GZE K . 3.01 27.04 -4.45
F11 GZE K . 4.72 25.91 -5.19
F12 GZE K . 4.89 27.16 -3.47
N13 GZE K . 5.39 23.05 -0.70
C14 GZE K . 5.42 21.83 -0.09
O15 GZE K . 4.62 20.93 -0.32
N16 GZE K . 6.45 21.72 0.79
C17 GZE K . 7.22 22.81 1.26
C18 GZE K . 8.49 23.05 0.74
C19 GZE K . 9.24 24.12 1.22
C20 GZE K . 8.72 24.95 2.19
C21 GZE K . 7.45 24.72 2.71
C22 GZE K . 6.70 23.66 2.24
S2 GZE K . 10.48 25.87 3.84
O5 GZE K . 9.69 25.33 4.89
N6 GZE K . 11.64 24.90 3.37
#